data_2Z7F
#
_entry.id   2Z7F
#
_cell.length_a   106.638
_cell.length_b   106.638
_cell.length_c   55.117
_cell.angle_alpha   90.00
_cell.angle_beta   90.00
_cell.angle_gamma   90.00
#
_symmetry.space_group_name_H-M   'P 4 21 2'
#
loop_
_entity.id
_entity.type
_entity.pdbx_description
1 polymer 'Leukocyte elastase'
2 polymer Antileukoproteinase
3 branched alpha-L-fucopyranose-(1-6)-2-acetamido-2-deoxy-beta-D-glucopyranose
4 water water
#
loop_
_entity_poly.entity_id
_entity_poly.type
_entity_poly.pdbx_seq_one_letter_code
_entity_poly.pdbx_strand_id
1 'polypeptide(L)'
;IVGGRRARPHAWPFMVSLQLRGGHFCGATLIAPNFVMSAAHCVANVNVRAVRVVLGAHNLSRREPTRQVFAVQRIFENGY
DPVNLLNDIVILQLNGSATINANVQVAQLPAQGRRLGNGVQCLAMGWGLLGRNRGIASVLQELNVTVVTSLCRRSNVCTL
VRGRQAGVCFGDSGSPLVCNGLIHGIASFVRGGCASGLYPDAFAPVAQFVNWIDSIIQ
;
E
2 'polypeptide(L)' RRKPGKCPVTYGQCLMLNPPNFCEMDGQCKRDLKCCMGMCGKSCVSPVKA I
#
# COMPACT_ATOMS: atom_id res chain seq x y z
N ILE A 1 9.40 1.26 -5.86
CA ILE A 1 10.52 0.53 -5.20
C ILE A 1 11.84 1.20 -5.55
N VAL A 2 12.54 1.70 -4.53
CA VAL A 2 13.88 2.29 -4.69
C VAL A 2 14.98 1.24 -4.43
N GLY A 3 15.91 1.08 -5.37
CA GLY A 3 17.07 0.21 -5.18
C GLY A 3 16.84 -1.28 -5.39
N GLY A 4 15.73 -1.62 -6.05
CA GLY A 4 15.41 -3.01 -6.34
C GLY A 4 15.81 -3.43 -7.75
N ARG A 5 15.06 -4.36 -8.32
CA ARG A 5 15.36 -4.88 -9.66
C ARG A 5 14.07 -5.20 -10.38
N ARG A 6 14.12 -5.27 -11.72
CA ARG A 6 12.94 -5.69 -12.47
C ARG A 6 12.54 -7.15 -12.17
N ALA A 7 11.24 -7.38 -11.95
CA ALA A 7 10.68 -8.72 -11.88
C ALA A 7 10.73 -9.33 -13.27
N ARG A 8 10.85 -10.65 -13.34
CA ARG A 8 10.61 -11.35 -14.60
C ARG A 8 9.10 -11.24 -14.90
N PRO A 9 8.73 -11.12 -16.19
CA PRO A 9 7.30 -10.94 -16.51
C PRO A 9 6.43 -12.02 -15.85
N HIS A 10 5.40 -11.59 -15.09
CA HIS A 10 4.44 -12.49 -14.46
C HIS A 10 5.03 -13.42 -13.39
N ALA A 11 6.15 -13.00 -12.81
CA ALA A 11 6.79 -13.77 -11.74
C ALA A 11 5.88 -13.88 -10.51
N TRP A 12 5.00 -12.89 -10.34
CA TRP A 12 4.15 -12.77 -9.15
C TRP A 12 2.71 -12.56 -9.64
N PRO A 13 2.08 -13.65 -10.11
CA PRO A 13 0.78 -13.57 -10.77
C PRO A 13 -0.40 -13.11 -9.89
N PHE A 14 -0.17 -12.95 -8.58
CA PHE A 14 -1.18 -12.41 -7.66
C PHE A 14 -1.04 -10.87 -7.54
N MET A 15 -0.01 -10.31 -8.18
CA MET A 15 0.21 -8.86 -8.09
C MET A 15 -0.78 -8.05 -8.93
N VAL A 16 -1.39 -7.05 -8.31
CA VAL A 16 -2.51 -6.30 -8.90
C VAL A 16 -2.18 -4.80 -8.93
N SER A 17 -2.63 -4.13 -9.99
CA SER A 17 -2.58 -2.68 -10.09
C SER A 17 -3.98 -2.07 -10.00
N LEU A 18 -4.19 -1.21 -9.00
CA LEU A 18 -5.44 -0.45 -8.90
C LEU A 18 -5.28 0.87 -9.63
N GLN A 19 -6.22 1.16 -10.51
CA GLN A 19 -6.09 2.30 -11.40
C GLN A 19 -7.32 3.20 -11.40
N LEU A 20 -7.04 4.50 -11.53
CA LEU A 20 -8.07 5.51 -11.75
C LEU A 20 -7.73 6.26 -13.02
N ARG A 21 -8.73 6.47 -13.87
CA ARG A 21 -8.54 7.14 -15.17
C ARG A 21 -7.36 6.55 -15.96
N GLY A 22 -7.23 5.23 -15.89
CA GLY A 22 -6.17 4.49 -16.58
C GLY A 22 -4.77 4.63 -16.00
N GLY A 23 -4.67 5.20 -14.81
CA GLY A 23 -3.37 5.37 -14.14
C GLY A 23 -3.27 4.62 -12.83
N HIS A 24 -2.18 3.89 -12.65
CA HIS A 24 -1.89 3.20 -11.38
C HIS A 24 -1.84 4.16 -10.20
N PHE A 25 -2.54 3.82 -9.12
CA PHE A 25 -2.40 4.60 -7.88
C PHE A 25 -2.05 3.76 -6.65
N CYS A 26 -2.27 2.44 -6.73
CA CYS A 26 -1.94 1.56 -5.62
C CYS A 26 -1.80 0.14 -6.11
N GLY A 27 -1.02 -0.65 -5.36
CA GLY A 27 -0.96 -2.09 -5.59
C GLY A 27 -2.07 -2.81 -4.84
N ALA A 28 -2.19 -4.10 -5.11
CA ALA A 28 -3.13 -4.97 -4.40
C ALA A 28 -2.70 -6.42 -4.63
N THR A 29 -3.37 -7.34 -3.95
CA THR A 29 -3.05 -8.77 -4.06
C THR A 29 -4.32 -9.55 -4.33
N LEU A 30 -4.27 -10.44 -5.33
CA LEU A 30 -5.41 -11.30 -5.63
C LEU A 30 -5.45 -12.43 -4.60
N ILE A 31 -6.55 -12.50 -3.86
CA ILE A 31 -6.65 -13.46 -2.76
C ILE A 31 -7.76 -14.51 -2.98
N ALA A 32 -8.57 -14.27 -3.99
CA ALA A 32 -9.54 -15.27 -4.51
C ALA A 32 -9.82 -14.81 -5.94
N PRO A 33 -10.47 -15.67 -6.77
CA PRO A 33 -10.75 -15.17 -8.12
C PRO A 33 -11.57 -13.87 -8.17
N ASN A 34 -12.36 -13.61 -7.14
CA ASN A 34 -13.22 -12.42 -7.14
C ASN A 34 -12.97 -11.50 -5.94
N PHE A 35 -11.78 -11.58 -5.33
CA PHE A 35 -11.45 -10.65 -4.22
C PHE A 35 -9.99 -10.23 -4.30
N VAL A 36 -9.75 -8.93 -4.11
CA VAL A 36 -8.38 -8.47 -3.84
C VAL A 36 -8.28 -7.83 -2.47
N MET A 37 -7.04 -7.74 -1.96
CA MET A 37 -6.82 -6.97 -0.74
C MET A 37 -5.76 -5.92 -0.97
N SER A 38 -5.97 -4.77 -0.35
CA SER A 38 -5.05 -3.65 -0.50
C SER A 38 -5.00 -2.88 0.83
N ALA A 39 -4.38 -1.70 0.81
CA ALA A 39 -4.34 -0.82 1.99
C ALA A 39 -5.63 -0.02 2.03
N ALA A 40 -6.22 0.11 3.20
CA ALA A 40 -7.44 0.88 3.34
C ALA A 40 -7.22 2.33 2.88
N HIS A 41 -6.02 2.86 3.16
CA HIS A 41 -5.80 4.28 2.81
C HIS A 41 -5.82 4.53 1.29
N CYS A 42 -5.62 3.48 0.51
CA CYS A 42 -5.66 3.60 -0.96
C CYS A 42 -7.03 4.03 -1.46
N VAL A 43 -8.07 3.48 -0.85
CA VAL A 43 -9.43 3.67 -1.38
C VAL A 43 -10.29 4.57 -0.52
N ALA A 44 -9.73 5.01 0.61
CA ALA A 44 -10.52 5.74 1.60
C ALA A 44 -11.07 7.01 1.01
N ASN A 45 -10.29 7.66 0.14
CA ASN A 45 -10.61 9.00 -0.36
C ASN A 45 -10.63 9.10 -1.88
N VAL A 46 -10.92 7.97 -2.53
CA VAL A 46 -11.18 7.95 -3.96
C VAL A 46 -12.59 7.43 -4.18
N ASN A 47 -13.10 7.65 -5.38
CA ASN A 47 -14.41 7.09 -5.75
C ASN A 47 -14.27 5.60 -6.06
N VAL A 48 -14.74 4.76 -5.13
CA VAL A 48 -14.58 3.32 -5.28
C VAL A 48 -15.25 2.84 -6.56
N ARG A 49 -16.32 3.51 -6.97
CA ARG A 49 -17.04 3.21 -8.22
C ARG A 49 -16.23 3.46 -9.50
N ALA A 50 -15.11 4.14 -9.36
CA ALA A 50 -14.27 4.54 -10.49
C ALA A 50 -13.00 3.67 -10.57
N VAL A 51 -12.77 2.85 -9.55
CA VAL A 51 -11.52 2.08 -9.48
C VAL A 51 -11.53 0.90 -10.44
N ARG A 52 -10.45 0.75 -11.20
CA ARG A 52 -10.27 -0.43 -12.05
C ARG A 52 -9.19 -1.32 -11.47
N VAL A 53 -9.52 -2.60 -11.36
CA VAL A 53 -8.64 -3.62 -10.79
C VAL A 53 -7.97 -4.39 -11.92
N VAL A 54 -6.65 -4.20 -12.08
CA VAL A 54 -5.93 -4.73 -13.25
C VAL A 54 -5.07 -5.93 -12.82
N LEU A 55 -5.43 -7.10 -13.34
CA LEU A 55 -4.74 -8.36 -13.06
C LEU A 55 -3.89 -8.73 -14.28
N GLY A 56 -2.81 -9.48 -14.03
CA GLY A 56 -1.96 -10.00 -15.10
C GLY A 56 -1.05 -8.98 -15.77
N ALA A 57 -0.83 -7.85 -15.09
CA ALA A 57 0.02 -6.77 -15.66
C ALA A 57 1.51 -6.97 -15.36
N HIS A 58 2.35 -6.40 -16.22
CA HIS A 58 3.77 -6.34 -15.97
C HIS A 58 4.38 -4.96 -16.22
N ASN A 59 4.23 -4.49 -17.45
CA ASN A 59 4.70 -3.17 -17.84
C ASN A 59 3.50 -2.26 -18.00
N LEU A 60 3.35 -1.32 -17.07
CA LEU A 60 2.19 -0.44 -17.08
C LEU A 60 2.14 0.53 -18.25
N SER A 61 3.26 0.68 -18.95
CA SER A 61 3.41 1.59 -20.09
C SER A 61 3.09 0.93 -21.43
N ARG A 62 2.79 -0.38 -21.40
CA ARG A 62 2.48 -1.11 -22.62
C ARG A 62 1.06 -1.66 -22.59
N ARG A 63 0.48 -1.82 -23.77
CA ARG A 63 -0.73 -2.62 -23.90
C ARG A 63 -0.35 -4.08 -23.73
N GLU A 64 -1.04 -4.76 -22.81
CA GLU A 64 -0.71 -6.14 -22.48
C GLU A 64 -1.92 -7.02 -22.61
N PRO A 65 -1.82 -8.05 -23.49
CA PRO A 65 -2.94 -8.96 -23.71
C PRO A 65 -3.23 -9.85 -22.50
N THR A 66 -2.23 -10.03 -21.65
CA THR A 66 -2.31 -10.88 -20.48
C THR A 66 -3.24 -10.30 -19.39
N ARG A 67 -3.68 -9.05 -19.56
CA ARG A 67 -4.46 -8.37 -18.50
C ARG A 67 -5.92 -8.78 -18.41
N GLN A 68 -6.44 -8.82 -17.20
CA GLN A 68 -7.87 -8.94 -16.95
C GLN A 68 -8.27 -7.79 -16.05
N VAL A 69 -9.35 -7.10 -16.41
CA VAL A 69 -9.77 -5.88 -15.71
C VAL A 69 -11.18 -6.01 -15.13
N PHE A 70 -11.29 -5.64 -13.86
CA PHE A 70 -12.54 -5.69 -13.10
C PHE A 70 -12.84 -4.37 -12.41
N ALA A 71 -14.09 -4.20 -12.02
CA ALA A 71 -14.51 -3.08 -11.18
C ALA A 71 -14.68 -3.63 -9.76
N VAL A 72 -14.79 -2.73 -8.79
CA VAL A 72 -15.07 -3.09 -7.41
C VAL A 72 -16.58 -3.17 -7.21
N GLN A 73 -17.05 -4.29 -6.65
CA GLN A 73 -18.48 -4.49 -6.37
C GLN A 73 -18.82 -4.17 -4.93
N ARG A 74 -17.96 -4.61 -4.01
CA ARG A 74 -18.21 -4.46 -2.57
C ARG A 74 -16.92 -4.16 -1.80
N ILE A 75 -17.07 -3.44 -0.69
CA ILE A 75 -15.91 -3.06 0.15
C ILE A 75 -16.04 -3.55 1.61
N PHE A 76 -14.93 -4.04 2.17
CA PHE A 76 -14.92 -4.58 3.55
C PHE A 76 -13.73 -3.97 4.27
N GLU A 77 -13.96 -3.46 5.48
CA GLU A 77 -12.88 -2.89 6.30
C GLU A 77 -13.13 -3.27 7.75
N ASN A 78 -12.05 -3.35 8.51
CA ASN A 78 -12.07 -3.91 9.85
C ASN A 78 -11.37 -2.99 10.84
N GLY A 79 -11.90 -1.77 10.98
CA GLY A 79 -11.37 -0.88 12.01
C GLY A 79 -10.22 0.00 11.53
N TYR A 80 -10.23 0.35 10.24
CA TYR A 80 -9.24 1.29 9.70
C TYR A 80 -9.25 2.63 10.46
N ASP A 81 -8.06 3.05 10.92
CA ASP A 81 -7.88 4.32 11.64
C ASP A 81 -6.97 5.20 10.75
N PRO A 82 -7.57 6.18 10.05
CA PRO A 82 -6.80 7.00 9.11
C PRO A 82 -5.80 7.96 9.77
N VAL A 83 -6.05 8.33 11.02
CA VAL A 83 -5.11 9.21 11.71
C VAL A 83 -3.77 8.52 11.94
N ASN A 84 -3.81 7.24 12.35
CA ASN A 84 -2.61 6.52 12.77
C ASN A 84 -2.23 5.39 11.81
N LEU A 85 -3.03 5.25 10.75
CA LEU A 85 -2.90 4.13 9.82
C LEU A 85 -2.80 2.78 10.57
N LEU A 86 -3.79 2.54 11.42
CA LEU A 86 -3.90 1.23 12.06
C LEU A 86 -4.95 0.43 11.27
N ASN A 87 -4.80 -0.90 11.25
CA ASN A 87 -5.71 -1.78 10.50
C ASN A 87 -5.89 -1.27 9.07
N ASP A 88 -4.74 -1.05 8.42
CA ASP A 88 -4.72 -0.41 7.10
C ASP A 88 -4.84 -1.50 6.03
N ILE A 89 -6.04 -2.08 5.98
CA ILE A 89 -6.33 -3.22 5.10
C ILE A 89 -7.76 -3.12 4.62
N VAL A 90 -7.94 -3.41 3.34
CA VAL A 90 -9.27 -3.39 2.73
C VAL A 90 -9.39 -4.61 1.84
N ILE A 91 -10.57 -5.24 1.87
CA ILE A 91 -10.87 -6.28 0.90
C ILE A 91 -11.90 -5.69 -0.07
N LEU A 92 -11.63 -5.90 -1.36
CA LEU A 92 -12.46 -5.39 -2.45
C LEU A 92 -12.95 -6.60 -3.22
N GLN A 93 -14.26 -6.83 -3.16
CA GLN A 93 -14.87 -7.86 -4.00
C GLN A 93 -15.01 -7.32 -5.41
N LEU A 94 -14.67 -8.14 -6.40
CA LEU A 94 -14.70 -7.73 -7.81
C LEU A 94 -16.08 -7.97 -8.40
N ASN A 95 -16.37 -7.25 -9.49
CA ASN A 95 -17.64 -7.43 -10.20
C ASN A 95 -17.66 -8.69 -11.09
N GLY A 96 -16.70 -9.58 -10.90
CA GLY A 96 -16.65 -10.85 -11.63
C GLY A 96 -15.57 -11.73 -11.03
N SER A 97 -15.27 -12.85 -11.68
CA SER A 97 -14.22 -13.74 -11.22
C SER A 97 -13.13 -13.87 -12.28
N ALA A 98 -11.88 -13.66 -11.84
CA ALA A 98 -10.72 -13.83 -12.71
C ALA A 98 -10.65 -15.23 -13.30
N THR A 99 -10.15 -15.31 -14.53
CA THR A 99 -9.74 -16.60 -15.09
C THR A 99 -8.30 -16.89 -14.60
N ILE A 100 -8.15 -18.02 -13.91
CA ILE A 100 -6.87 -18.41 -13.33
C ILE A 100 -6.02 -19.05 -14.40
N ASN A 101 -4.84 -18.47 -14.64
CA ASN A 101 -3.93 -18.97 -15.66
C ASN A 101 -2.49 -18.70 -15.25
N ALA A 102 -1.56 -18.76 -16.21
CA ALA A 102 -0.14 -18.56 -15.95
C ALA A 102 0.14 -17.18 -15.31
N ASN A 103 -0.63 -16.19 -15.74
CA ASN A 103 -0.36 -14.80 -15.41
C ASN A 103 -1.24 -14.22 -14.32
N VAL A 104 -2.29 -14.95 -13.95
CA VAL A 104 -3.23 -14.50 -12.91
C VAL A 104 -3.49 -15.68 -12.00
N GLN A 105 -3.03 -15.55 -10.75
CA GLN A 105 -3.13 -16.60 -9.76
C GLN A 105 -3.40 -16.02 -8.37
N VAL A 106 -4.02 -16.82 -7.51
CA VAL A 106 -4.37 -16.42 -6.16
C VAL A 106 -3.20 -16.60 -5.19
N ALA A 107 -3.02 -15.62 -4.31
CA ALA A 107 -1.95 -15.66 -3.31
C ALA A 107 -2.26 -16.61 -2.17
N GLN A 108 -1.21 -17.03 -1.46
CA GLN A 108 -1.33 -17.83 -0.25
C GLN A 108 -1.03 -16.98 0.99
N LEU A 109 -1.84 -17.18 2.04
CA LEU A 109 -1.78 -16.35 3.24
C LEU A 109 -1.26 -17.17 4.41
N PRO A 110 -0.65 -16.50 5.39
CA PRO A 110 -0.17 -17.19 6.60
C PRO A 110 -1.31 -17.56 7.55
N ALA A 111 -0.97 -18.32 8.60
CA ALA A 111 -1.95 -18.62 9.61
C ALA A 111 -2.28 -17.40 10.45
N GLN A 112 -3.49 -17.36 10.99
CA GLN A 112 -3.89 -16.30 11.92
C GLN A 112 -2.89 -16.13 13.08
N GLY A 113 -2.45 -14.89 13.28
CA GLY A 113 -1.62 -14.54 14.45
C GLY A 113 -0.12 -14.77 14.29
N ARG A 114 0.30 -15.33 13.14
CA ARG A 114 1.72 -15.58 12.88
C ARG A 114 2.52 -14.28 12.88
N ARG A 115 3.53 -14.22 13.73
CA ARG A 115 4.38 -13.05 13.82
C ARG A 115 5.77 -13.44 13.37
N LEU A 116 6.39 -12.61 12.51
CA LEU A 116 7.72 -12.89 12.00
C LEU A 116 8.77 -12.24 12.86
N GLY A 117 9.87 -12.95 13.08
CA GLY A 117 10.92 -12.44 13.95
C GLY A 117 11.96 -11.65 13.18
N ASN A 118 12.83 -10.94 13.90
CA ASN A 118 13.97 -10.27 13.28
C ASN A 118 14.77 -11.19 12.36
N GLY A 119 15.11 -10.68 11.19
CA GLY A 119 16.00 -11.37 10.27
C GLY A 119 15.35 -12.20 9.19
N VAL A 120 14.03 -12.41 9.28
CA VAL A 120 13.32 -13.18 8.25
C VAL A 120 13.44 -12.43 6.92
N GLN A 121 13.75 -13.17 5.86
CA GLN A 121 13.98 -12.60 4.53
C GLN A 121 12.71 -12.61 3.70
N CYS A 122 12.32 -11.44 3.21
CA CYS A 122 11.09 -11.29 2.46
C CYS A 122 11.35 -10.60 1.13
N LEU A 123 10.32 -10.53 0.30
CA LEU A 123 10.44 -9.84 -0.97
C LEU A 123 9.32 -8.81 -1.07
N ALA A 124 9.70 -7.53 -1.22
CA ALA A 124 8.72 -6.48 -1.51
C ALA A 124 8.67 -6.25 -3.03
N MET A 125 7.58 -5.67 -3.49
CA MET A 125 7.41 -5.41 -4.92
C MET A 125 6.41 -4.30 -5.15
N GLY A 126 6.41 -3.75 -6.37
CA GLY A 126 5.44 -2.72 -6.73
C GLY A 126 5.87 -1.86 -7.90
N TRP A 127 4.96 -0.99 -8.30
CA TRP A 127 5.13 -0.11 -9.46
C TRP A 127 5.35 1.32 -9.01
N GLY A 128 5.77 1.49 -7.76
CA GLY A 128 6.00 2.84 -7.22
C GLY A 128 7.30 3.48 -7.72
N LEU A 129 7.61 4.66 -7.18
CA LEU A 129 8.80 5.41 -7.60
C LEU A 129 10.11 4.63 -7.48
N LEU A 130 11.01 4.85 -8.45
CA LEU A 130 12.35 4.29 -8.45
C LEU A 130 13.38 5.14 -7.69
N GLY A 131 13.02 6.40 -7.41
CA GLY A 131 13.90 7.34 -6.69
C GLY A 131 15.06 7.94 -7.47
N ARG A 132 15.14 9.29 -7.48
CA ARG A 132 16.26 10.11 -8.01
C ARG A 132 15.91 11.57 -8.35
N ASN A 133 14.73 11.83 -8.93
CA ASN A 133 13.76 10.80 -9.27
C ASN A 133 14.00 10.20 -10.66
N ARG A 134 14.09 8.87 -10.70
CA ARG A 134 14.03 8.12 -11.94
C ARG A 134 12.58 7.98 -12.39
N GLY A 135 11.67 8.58 -11.61
CA GLY A 135 10.24 8.54 -11.88
C GLY A 135 9.63 7.22 -11.49
N ILE A 136 8.42 7.00 -11.98
CA ILE A 136 7.64 5.82 -11.64
C ILE A 136 8.12 4.61 -12.46
N ALA A 137 7.95 3.41 -11.90
CA ALA A 137 8.35 2.21 -12.60
C ALA A 137 7.34 1.86 -13.68
N SER A 138 7.82 1.61 -14.89
CA SER A 138 6.97 0.99 -15.91
C SER A 138 6.87 -0.50 -15.59
N VAL A 139 8.03 -1.13 -15.43
CA VAL A 139 8.10 -2.56 -15.19
C VAL A 139 8.04 -2.82 -13.67
N LEU A 140 7.23 -3.81 -13.27
CA LEU A 140 7.14 -4.25 -11.87
C LEU A 140 8.52 -4.48 -11.29
N GLN A 141 8.73 -3.94 -10.08
CA GLN A 141 10.01 -4.04 -9.38
C GLN A 141 9.89 -4.94 -8.17
N GLU A 142 11.00 -5.54 -7.76
CA GLU A 142 11.04 -6.37 -6.57
C GLU A 142 12.31 -6.04 -5.79
N LEU A 143 12.31 -6.35 -4.50
CA LEU A 143 13.40 -5.96 -3.60
C LEU A 143 13.49 -6.91 -2.43
N ASN A 144 14.69 -7.44 -2.17
CA ASN A 144 14.92 -8.28 -0.99
C ASN A 144 15.02 -7.40 0.25
N VAL A 145 14.19 -7.73 1.24
CA VAL A 145 14.16 -7.00 2.51
C VAL A 145 14.21 -7.95 3.71
N THR A 146 14.54 -7.39 4.89
CA THR A 146 14.67 -8.15 6.13
C THR A 146 13.66 -7.62 7.13
N VAL A 147 12.92 -8.53 7.76
CA VAL A 147 12.00 -8.13 8.84
C VAL A 147 12.78 -7.57 10.02
N VAL A 148 12.29 -6.44 10.55
CA VAL A 148 12.84 -5.88 11.78
C VAL A 148 11.74 -5.55 12.77
N THR A 149 12.05 -5.63 14.06
CA THR A 149 11.07 -5.25 15.07
C THR A 149 11.41 -3.90 15.72
N SER A 150 12.68 -3.51 15.72
CA SER A 150 13.05 -2.20 16.26
C SER A 150 12.52 -1.09 15.36
N LEU A 151 12.01 -0.04 16.00
CA LEU A 151 11.46 1.14 15.31
C LEU A 151 10.25 0.73 14.48
N CYS A 152 9.55 -0.30 14.96
CA CYS A 152 8.30 -0.76 14.36
C CYS A 152 7.25 -0.91 15.45
N ARG A 153 6.01 -0.53 15.14
CA ARG A 153 4.90 -0.75 16.05
C ARG A 153 4.54 -2.23 16.06
N ARG A 154 4.05 -2.72 17.19
CA ARG A 154 3.54 -4.10 17.29
C ARG A 154 2.39 -4.37 16.32
N SER A 155 1.68 -3.31 15.98
CA SER A 155 0.56 -3.35 15.03
C SER A 155 0.99 -3.29 13.54
N ASN A 156 2.28 -3.38 13.28
CA ASN A 156 2.80 -3.43 11.90
C ASN A 156 3.78 -4.59 11.73
N VAL A 157 4.03 -4.97 10.48
CA VAL A 157 5.24 -5.70 10.14
C VAL A 157 6.15 -4.72 9.42
N CYS A 158 7.42 -4.64 9.84
CA CYS A 158 8.34 -3.70 9.23
C CYS A 158 9.55 -4.39 8.64
N THR A 159 10.13 -3.76 7.63
CA THR A 159 11.31 -4.30 6.98
C THR A 159 12.37 -3.22 6.77
N LEU A 160 13.63 -3.64 6.63
CA LEU A 160 14.71 -2.71 6.37
C LEU A 160 15.74 -3.41 5.51
N VAL A 161 16.23 -2.73 4.48
CA VAL A 161 17.32 -3.31 3.70
C VAL A 161 18.64 -3.09 4.42
N ARG A 162 19.36 -4.20 4.63
CA ARG A 162 20.65 -4.24 5.32
C ARG A 162 21.76 -3.57 4.50
N GLY A 163 22.41 -2.58 5.08
CA GLY A 163 23.67 -2.04 4.57
C GLY A 163 23.64 -1.16 3.32
N ARG A 164 22.45 -0.73 2.91
CA ARG A 164 22.33 0.23 1.82
C ARG A 164 20.94 0.84 1.83
N GLN A 165 20.78 1.95 1.11
CA GLN A 165 19.51 2.63 1.02
C GLN A 165 18.63 2.09 -0.10
N ALA A 166 17.59 1.37 0.29
CA ALA A 166 16.64 0.79 -0.63
C ALA A 166 15.36 0.61 0.16
N GLY A 167 14.21 0.57 -0.53
CA GLY A 167 12.95 0.34 0.15
C GLY A 167 11.76 0.60 -0.72
N VAL A 168 10.56 0.44 -0.15
CA VAL A 168 9.34 0.80 -0.87
C VAL A 168 9.20 2.33 -1.02
N CYS A 169 8.41 2.78 -1.98
CA CYS A 169 8.28 4.20 -2.20
C CYS A 169 6.90 4.53 -2.76
N PHE A 170 6.65 5.80 -3.02
CA PHE A 170 5.30 6.26 -3.33
C PHE A 170 4.76 5.58 -4.58
N GLY A 171 3.53 5.07 -4.48
CA GLY A 171 2.96 4.22 -5.53
C GLY A 171 3.00 2.75 -5.17
N ASP A 172 3.81 2.38 -4.17
CA ASP A 172 3.86 1.01 -3.69
C ASP A 172 2.79 0.70 -2.64
N SER A 173 2.10 1.72 -2.12
CA SER A 173 0.96 1.47 -1.20
C SER A 173 0.10 0.31 -1.69
N GLY A 174 -0.25 -0.59 -0.76
CA GLY A 174 -1.21 -1.66 -1.06
C GLY A 174 -0.57 -2.93 -1.62
N SER A 175 0.72 -2.85 -1.97
CA SER A 175 1.43 -3.96 -2.60
C SER A 175 1.80 -5.02 -1.56
N PRO A 176 1.86 -6.29 -1.99
CA PRO A 176 2.24 -7.37 -1.06
C PRO A 176 3.71 -7.40 -0.67
N LEU A 177 3.94 -7.90 0.55
CA LEU A 177 5.23 -8.34 1.04
C LEU A 177 5.16 -9.85 1.17
N VAL A 178 6.04 -10.55 0.45
CA VAL A 178 6.00 -12.02 0.35
C VAL A 178 7.13 -12.57 1.22
N CYS A 179 6.77 -13.45 2.16
CA CYS A 179 7.76 -14.10 3.02
C CYS A 179 7.54 -15.60 3.02
N ASN A 180 8.55 -16.33 2.53
CA ASN A 180 8.46 -17.80 2.42
C ASN A 180 7.18 -18.22 1.67
N GLY A 181 6.91 -17.49 0.59
CA GLY A 181 5.83 -17.77 -0.33
C GLY A 181 4.46 -17.30 0.15
N LEU A 182 4.40 -16.65 1.31
CA LEU A 182 3.13 -16.21 1.87
C LEU A 182 3.05 -14.68 1.98
N ILE A 183 1.85 -14.13 1.78
CA ILE A 183 1.67 -12.66 1.89
C ILE A 183 1.52 -12.25 3.36
N HIS A 184 2.59 -11.69 3.92
CA HIS A 184 2.60 -11.25 5.32
C HIS A 184 2.36 -9.74 5.50
N GLY A 185 2.53 -8.97 4.43
CA GLY A 185 2.35 -7.53 4.57
C GLY A 185 1.65 -6.88 3.38
N ILE A 186 1.06 -5.72 3.66
CA ILE A 186 0.49 -4.85 2.62
C ILE A 186 1.18 -3.51 2.84
N ALA A 187 1.89 -2.99 1.82
CA ALA A 187 2.65 -1.74 2.05
C ALA A 187 1.77 -0.59 2.55
N SER A 188 2.21 0.06 3.64
CA SER A 188 1.40 1.08 4.29
C SER A 188 2.10 2.44 4.31
N PHE A 189 3.21 2.57 5.04
CA PHE A 189 3.84 3.91 5.14
C PHE A 189 5.33 3.87 5.36
N VAL A 190 5.97 4.98 5.03
CA VAL A 190 7.41 5.17 5.25
C VAL A 190 7.62 6.34 6.21
N ARG A 191 8.86 6.45 6.70
CA ARG A 191 9.27 7.58 7.52
C ARG A 191 10.63 8.06 7.03
N GLY A 192 10.87 9.36 7.11
CA GLY A 192 12.16 9.94 6.70
C GLY A 192 12.38 9.93 5.19
N GLY A 193 11.28 9.86 4.43
CA GLY A 193 11.35 9.69 2.97
C GLY A 193 11.65 8.24 2.62
N CYS A 194 11.53 7.89 1.34
CA CYS A 194 11.83 6.53 0.91
C CYS A 194 13.31 6.21 1.11
N ALA A 195 13.62 4.96 1.45
CA ALA A 195 14.99 4.46 1.48
C ALA A 195 15.88 5.33 2.37
N SER A 196 15.35 5.69 3.55
CA SER A 196 16.07 6.56 4.49
C SER A 196 17.33 5.89 5.05
N GLY A 197 17.36 4.55 5.06
CA GLY A 197 18.48 3.79 5.66
C GLY A 197 18.37 3.64 7.17
N LEU A 198 17.34 4.26 7.76
CA LEU A 198 17.13 4.31 9.19
C LEU A 198 15.76 3.74 9.60
N TYR A 199 14.71 4.39 9.12
CA TYR A 199 13.34 3.97 9.45
C TYR A 199 12.94 2.75 8.64
N PRO A 200 12.51 1.67 9.31
CA PRO A 200 11.94 0.52 8.60
C PRO A 200 10.67 0.94 7.83
N ASP A 201 10.41 0.27 6.71
CA ASP A 201 9.18 0.46 5.96
C ASP A 201 8.09 -0.30 6.71
N ALA A 202 6.89 0.25 6.74
CA ALA A 202 5.82 -0.36 7.52
C ALA A 202 4.68 -0.91 6.63
N PHE A 203 4.30 -2.14 6.96
CA PHE A 203 3.26 -2.89 6.26
C PHE A 203 2.12 -3.24 7.22
N ALA A 204 0.89 -3.26 6.71
CA ALA A 204 -0.22 -3.87 7.47
C ALA A 204 0.07 -5.35 7.67
N PRO A 205 -0.11 -5.87 8.90
CA PRO A 205 0.29 -7.26 9.19
C PRO A 205 -0.83 -8.23 8.81
N VAL A 206 -0.74 -8.79 7.61
CA VAL A 206 -1.80 -9.65 7.05
C VAL A 206 -2.19 -10.79 8.02
N ALA A 207 -1.21 -11.39 8.69
CA ALA A 207 -1.51 -12.56 9.53
C ALA A 207 -2.47 -12.25 10.66
N GLN A 208 -2.49 -10.98 11.06
CA GLN A 208 -3.39 -10.55 12.12
C GLN A 208 -4.85 -10.52 11.68
N PHE A 209 -5.07 -10.57 10.36
CA PHE A 209 -6.40 -10.41 9.78
C PHE A 209 -6.93 -11.64 9.06
N VAL A 210 -6.26 -12.80 9.22
CA VAL A 210 -6.56 -13.97 8.38
C VAL A 210 -7.96 -14.54 8.65
N ASN A 211 -8.33 -14.64 9.93
CA ASN A 211 -9.68 -15.10 10.26
C ASN A 211 -10.74 -14.16 9.67
N TRP A 212 -10.48 -12.86 9.76
CA TRP A 212 -11.39 -11.87 9.15
C TRP A 212 -11.41 -12.01 7.63
N ILE A 213 -10.24 -12.13 7.01
CA ILE A 213 -10.19 -12.39 5.56
C ILE A 213 -10.98 -13.64 5.17
N ASP A 214 -10.78 -14.74 5.89
CA ASP A 214 -11.48 -15.97 5.57
C ASP A 214 -12.99 -15.81 5.75
N SER A 215 -13.41 -15.02 6.73
CA SER A 215 -14.84 -14.79 7.03
C SER A 215 -15.56 -14.13 5.84
N ILE A 216 -14.79 -13.47 4.97
CA ILE A 216 -15.28 -12.80 3.77
C ILE A 216 -15.12 -13.66 2.51
N ILE A 217 -13.94 -14.25 2.33
CA ILE A 217 -13.61 -14.92 1.07
C ILE A 217 -13.98 -16.41 1.05
N GLN A 218 -14.18 -17.01 2.23
CA GLN A 218 -14.49 -18.44 2.34
C GLN A 218 -15.99 -18.64 2.55
N ARG B 1 -5.76 32.56 4.07
CA ARG B 1 -4.35 32.72 4.53
C ARG B 1 -4.01 31.77 5.68
N ARG B 2 -2.71 31.62 5.95
CA ARG B 2 -2.23 30.83 7.09
C ARG B 2 -2.69 31.41 8.44
N LYS B 3 -3.11 30.54 9.37
CA LYS B 3 -3.61 30.94 10.69
C LYS B 3 -2.56 30.69 11.79
N PRO B 4 -2.76 31.30 12.98
CA PRO B 4 -1.84 31.08 14.11
C PRO B 4 -1.86 29.63 14.61
N GLY B 5 -0.80 29.20 15.28
CA GLY B 5 -0.66 27.83 15.76
C GLY B 5 0.11 26.98 14.76
N LYS B 6 0.32 25.72 15.13
CA LYS B 6 1.10 24.78 14.34
C LYS B 6 0.28 23.55 13.99
N CYS B 7 0.68 22.84 12.93
CA CYS B 7 0.07 21.56 12.61
C CYS B 7 0.59 20.50 13.56
N PRO B 8 -0.28 19.55 13.94
CA PRO B 8 0.21 18.45 14.76
C PRO B 8 1.27 17.64 14.02
N VAL B 9 2.21 17.11 14.79
CA VAL B 9 3.23 16.21 14.24
C VAL B 9 2.56 14.90 13.83
N THR B 10 3.13 14.23 12.84
CA THR B 10 2.62 12.96 12.33
C THR B 10 3.70 11.90 12.34
N TYR B 11 3.28 10.64 12.39
CA TYR B 11 4.22 9.52 12.61
C TYR B 11 4.91 9.04 11.32
N GLY B 12 4.21 9.16 10.20
CA GLY B 12 4.77 8.67 8.94
C GLY B 12 3.87 9.05 7.80
N GLN B 13 4.24 8.62 6.60
CA GLN B 13 3.58 9.06 5.37
C GLN B 13 3.12 7.87 4.52
N CYS B 14 1.83 7.84 4.19
CA CYS B 14 1.31 6.74 3.35
C CYS B 14 1.97 6.71 1.97
N LEU B 15 2.10 5.49 1.41
CA LEU B 15 2.90 5.27 0.18
C LEU B 15 2.13 5.50 -1.13
N MET B 16 1.28 6.52 -1.14
CA MET B 16 0.56 6.95 -2.35
C MET B 16 1.32 8.10 -2.98
N LEU B 17 1.27 8.19 -4.31
CA LEU B 17 1.92 9.28 -5.04
C LEU B 17 1.27 10.61 -4.73
N ASN B 18 -0.07 10.61 -4.72
CA ASN B 18 -0.84 11.82 -4.49
C ASN B 18 -1.99 11.54 -3.55
N PRO B 19 -1.72 11.50 -2.22
CA PRO B 19 -2.79 11.26 -1.26
C PRO B 19 -3.86 12.35 -1.41
N PRO B 20 -5.14 11.98 -1.55
CA PRO B 20 -6.15 13.03 -1.66
C PRO B 20 -6.23 13.98 -0.47
N ASN B 21 -6.39 15.27 -0.78
CA ASN B 21 -6.49 16.33 0.20
C ASN B 21 -7.92 16.87 0.24
N PHE B 22 -8.35 17.30 1.41
CA PHE B 22 -9.70 17.88 1.55
C PHE B 22 -9.64 19.38 1.75
N CYS B 23 -8.41 19.89 1.84
CA CYS B 23 -8.12 21.32 1.91
C CYS B 23 -6.72 21.57 1.38
N GLU B 24 -6.45 22.81 1.00
CA GLU B 24 -5.12 23.19 0.53
C GLU B 24 -4.54 24.36 1.34
N MET B 25 -5.38 25.09 2.05
CA MET B 25 -4.92 26.17 2.92
C MET B 25 -5.82 26.39 4.11
N ASP B 26 -5.28 27.02 5.16
CA ASP B 26 -6.00 27.21 6.41
C ASP B 26 -7.35 27.91 6.25
N GLY B 27 -7.43 28.86 5.32
CA GLY B 27 -8.66 29.63 5.13
C GLY B 27 -9.85 28.81 4.70
N GLN B 28 -9.58 27.58 4.22
CA GLN B 28 -10.63 26.69 3.78
C GLN B 28 -11.21 25.91 4.97
N CYS B 29 -10.57 26.06 6.13
CA CYS B 29 -11.04 25.44 7.36
C CYS B 29 -11.81 26.43 8.24
N LYS B 30 -12.77 25.91 9.00
CA LYS B 30 -13.59 26.70 9.92
C LYS B 30 -12.83 27.17 11.15
N ARG B 31 -13.36 28.21 11.79
CA ARG B 31 -12.83 28.74 13.07
C ARG B 31 -11.31 28.85 13.10
N ASP B 32 -10.69 28.22 14.09
CA ASP B 32 -9.22 28.26 14.27
C ASP B 32 -8.50 27.08 13.63
N LEU B 33 -9.22 26.21 12.92
CA LEU B 33 -8.62 25.00 12.35
C LEU B 33 -7.64 25.31 11.24
N LYS B 34 -6.60 24.47 11.12
CA LYS B 34 -5.61 24.64 10.09
C LYS B 34 -5.66 23.45 9.13
N CYS B 35 -5.26 23.68 7.89
CA CYS B 35 -5.15 22.64 6.89
C CYS B 35 -3.78 22.00 7.01
N CYS B 36 -3.77 20.77 7.53
CA CYS B 36 -2.55 20.10 7.92
C CYS B 36 -2.41 18.74 7.25
N MET B 37 -1.18 18.39 6.87
CA MET B 37 -0.92 17.08 6.30
C MET B 37 -0.93 16.06 7.43
N GLY B 38 -1.82 15.08 7.31
CA GLY B 38 -1.82 13.96 8.25
C GLY B 38 -0.88 12.88 7.72
N MET B 39 -1.04 11.66 8.23
CA MET B 39 -0.30 10.53 7.67
C MET B 39 -0.64 10.27 6.19
N CYS B 40 -1.85 10.61 5.75
CA CYS B 40 -2.25 10.36 4.37
C CYS B 40 -3.18 11.46 3.85
N GLY B 41 -2.59 12.57 3.44
CA GLY B 41 -3.36 13.69 2.89
C GLY B 41 -3.72 14.77 3.88
N LYS B 42 -4.11 15.93 3.35
CA LYS B 42 -4.46 17.09 4.16
C LYS B 42 -5.91 17.11 4.63
N SER B 43 -6.09 17.57 5.87
CA SER B 43 -7.41 17.77 6.46
C SER B 43 -7.41 18.99 7.41
N CYS B 44 -8.60 19.52 7.70
CA CYS B 44 -8.74 20.60 8.70
C CYS B 44 -8.67 20.03 10.12
N VAL B 45 -7.70 20.51 10.90
CA VAL B 45 -7.48 20.03 12.28
C VAL B 45 -7.28 21.18 13.26
N SER B 46 -7.63 20.95 14.53
CA SER B 46 -7.37 21.94 15.59
C SER B 46 -5.87 22.22 15.69
N PRO B 47 -5.49 23.49 15.89
CA PRO B 47 -4.07 23.81 15.98
C PRO B 47 -3.46 23.37 17.31
N VAL B 48 -2.15 23.15 17.29
CA VAL B 48 -1.35 22.92 18.49
C VAL B 48 -0.47 24.16 18.71
N LYS B 49 0.25 24.22 19.83
CA LYS B 49 1.01 25.44 20.15
C LYS B 49 2.24 25.67 19.26
N ALA B 50 2.51 26.95 18.98
CA ALA B 50 3.44 27.36 17.92
C ALA B 50 4.93 27.11 18.18
#